data_7FHM
#
_entry.id   7FHM
#
_cell.length_a   93.340
_cell.length_b   39.410
_cell.length_c   94.670
_cell.angle_alpha   90.000
_cell.angle_beta   108.340
_cell.angle_gamma   90.000
#
_symmetry.space_group_name_H-M   'P 1 21 1'
#
loop_
_entity.id
_entity.type
_entity.pdbx_description
1 polymer 'Probable periplasmic iron-transport lipoprotein'
2 non-polymer 'CITRIC ACID'
3 non-polymer 1,2-ETHANEDIOL
4 non-polymer GLYCEROL
5 non-polymer 'CARBON DIOXIDE'
6 non-polymer 'CARBONATE ION'
7 non-polymer 'ACETATE ION'
8 water water
#
_entity_poly.entity_id   1
_entity_poly.type   'polypeptide(L)'
_entity_poly.pdbx_seq_one_letter_code
;MMHHHHHHAVTITHLFGQTVIKEPPKRVVSAGYTEQDDLLAVDVVPIAVTDWFGDQPFAVWPWAAPKLGGARPAVLNLDN
GIQIDRIAALKPDLIVAINAGVDADTYQQLSAIAPTVAQSGGDAFFEPWKDQARSIGQAVFAADRMRSLIEAVDQKFAAV
AQRHPRWRGKKALLLQGRLWQGNVVATLAGWRTDFLNDMGLVIADSIKPFAVDQRGVIPRDHIKAVLDAADVLIWMTESP
EDEKALLADPEIAASQATAQRRHIFTSKEQAGAIAFSSVLSYPVVAEQLPPQISQILGA
;
_entity_poly.pdbx_strand_id   A,B
#
loop_
_chem_comp.id
_chem_comp.type
_chem_comp.name
_chem_comp.formula
ACT non-polymer 'ACETATE ION' 'C2 H3 O2 -1'
CIT non-polymer 'CITRIC ACID' 'C6 H8 O7'
CO2 non-polymer 'CARBON DIOXIDE' 'C O2'
CO3 non-polymer 'CARBONATE ION' 'C O3 -2'
EDO non-polymer 1,2-ETHANEDIOL 'C2 H6 O2'
GOL non-polymer GLYCEROL 'C3 H8 O3'
#
# COMPACT_ATOMS: atom_id res chain seq x y z
N HIS A 8 -16.52 32.05 29.46
CA HIS A 8 -16.98 30.66 29.78
C HIS A 8 -15.99 29.74 29.07
N ALA A 9 -15.32 28.89 29.82
CA ALA A 9 -14.43 27.87 29.23
C ALA A 9 -15.26 26.89 28.40
N VAL A 10 -14.62 26.32 27.41
CA VAL A 10 -15.19 25.25 26.58
C VAL A 10 -14.59 23.94 27.07
N THR A 11 -15.42 22.96 27.32
CA THR A 11 -14.97 21.61 27.68
C THR A 11 -15.23 20.72 26.48
N ILE A 12 -14.19 20.11 25.92
CA ILE A 12 -14.32 19.20 24.76
C ILE A 12 -14.25 17.79 25.33
N THR A 13 -15.22 16.94 24.98
CA THR A 13 -15.17 15.52 25.40
C THR A 13 -14.69 14.75 24.19
N HIS A 14 -13.66 13.94 24.38
CA HIS A 14 -13.07 13.13 23.28
C HIS A 14 -12.67 11.74 23.81
N LEU A 15 -12.08 10.93 22.93
CA LEU A 15 -11.74 9.55 23.23
C LEU A 15 -10.99 9.39 24.58
N PHE A 16 -10.08 10.31 24.86
CA PHE A 16 -9.11 10.19 25.97
C PHE A 16 -9.48 11.07 27.15
N GLY A 17 -10.72 11.47 27.25
CA GLY A 17 -11.23 12.18 28.44
C GLY A 17 -11.75 13.54 28.04
N GLN A 18 -11.43 14.57 28.82
CA GLN A 18 -11.97 15.92 28.52
C GLN A 18 -10.83 16.92 28.44
N THR A 19 -11.01 17.94 27.65
CA THR A 19 -10.03 19.04 27.50
C THR A 19 -10.73 20.36 27.75
N VAL A 20 -10.17 21.15 28.66
CA VAL A 20 -10.76 22.49 28.96
C VAL A 20 -9.95 23.54 28.24
N ILE A 21 -10.64 24.37 27.50
CA ILE A 21 -10.07 25.48 26.68
C ILE A 21 -10.61 26.78 27.26
N LYS A 22 -9.75 27.52 27.96
CA LYS A 22 -10.21 28.59 28.87
C LYS A 22 -10.62 29.82 28.07
N GLU A 23 -10.03 30.02 26.91
CA GLU A 23 -10.29 31.24 26.12
C GLU A 23 -9.98 30.94 24.68
N PRO A 24 -10.43 31.77 23.72
CA PRO A 24 -10.08 31.57 22.31
C PRO A 24 -8.56 31.49 22.17
N PRO A 25 -8.05 30.39 21.59
CA PRO A 25 -6.60 30.14 21.64
C PRO A 25 -5.83 30.99 20.62
N LYS A 26 -4.62 31.39 20.98
CA LYS A 26 -3.81 32.33 20.17
C LYS A 26 -2.70 31.58 19.42
N ARG A 27 -2.34 30.37 19.85
CA ARG A 27 -1.20 29.61 19.30
C ARG A 27 -1.62 28.16 19.08
N VAL A 28 -2.22 27.89 17.93
CA VAL A 28 -2.81 26.57 17.66
C VAL A 28 -1.87 25.72 16.81
N VAL A 29 -1.57 24.52 17.27
CA VAL A 29 -0.89 23.49 16.43
C VAL A 29 -1.90 22.57 15.80
N SER A 30 -1.83 22.43 14.47
CA SER A 30 -2.69 21.46 13.75
C SER A 30 -1.84 20.21 13.51
N ALA A 31 -2.07 19.17 14.32
CA ALA A 31 -1.21 17.99 14.41
C ALA A 31 -1.63 16.86 13.48
N GLY A 32 -2.80 16.98 12.86
CA GLY A 32 -3.31 15.91 11.96
C GLY A 32 -3.30 16.35 10.50
N TYR A 33 -3.80 15.50 9.64
CA TYR A 33 -3.58 15.62 8.18
C TYR A 33 -4.47 16.69 7.59
N THR A 34 -5.60 17.08 8.17
CA THR A 34 -6.59 17.92 7.45
C THR A 34 -7.10 19.09 8.26
N GLU A 35 -6.84 19.16 9.57
CA GLU A 35 -7.55 20.11 10.46
C GLU A 35 -7.27 21.57 10.09
N GLN A 36 -6.19 21.83 9.36
CA GLN A 36 -5.89 23.23 8.97
C GLN A 36 -7.04 23.84 8.16
N ASP A 37 -7.74 23.06 7.36
CA ASP A 37 -8.82 23.63 6.54
C ASP A 37 -9.91 24.22 7.45
N ASP A 38 -10.41 23.42 8.37
CA ASP A 38 -11.55 23.86 9.21
C ASP A 38 -11.04 24.96 10.15
N LEU A 39 -9.81 24.91 10.63
CA LEU A 39 -9.28 26.04 11.46
C LEU A 39 -9.21 27.34 10.60
N LEU A 40 -8.64 27.30 9.42
CA LEU A 40 -8.46 28.50 8.59
C LEU A 40 -9.82 29.03 8.20
N ALA A 41 -10.78 28.16 8.05
CA ALA A 41 -12.17 28.54 7.63
C ALA A 41 -12.82 29.50 8.61
N VAL A 42 -12.50 29.35 9.89
CA VAL A 42 -13.00 30.22 10.96
C VAL A 42 -11.90 31.17 11.42
N ASP A 43 -10.95 31.49 10.55
CA ASP A 43 -9.98 32.59 10.72
C ASP A 43 -9.04 32.27 11.85
N VAL A 44 -8.77 31.00 12.07
CA VAL A 44 -7.73 30.59 13.07
C VAL A 44 -6.52 30.12 12.26
N VAL A 45 -5.45 30.89 12.26
CA VAL A 45 -4.24 30.53 11.47
C VAL A 45 -3.34 29.73 12.38
N PRO A 46 -3.14 28.44 12.10
CA PRO A 46 -2.28 27.61 12.96
C PRO A 46 -0.85 28.18 12.94
N ILE A 47 -0.13 27.97 14.02
CA ILE A 47 1.34 28.21 14.08
C ILE A 47 2.12 27.03 13.54
N ALA A 48 1.46 25.88 13.32
CA ALA A 48 2.07 24.69 12.71
C ALA A 48 0.97 23.90 12.02
N VAL A 49 1.28 23.40 10.85
CA VAL A 49 0.40 22.53 10.03
C VAL A 49 1.15 21.23 9.76
N THR A 50 0.45 20.11 9.69
CA THR A 50 1.10 18.82 9.46
C THR A 50 0.91 18.40 8.00
N ASP A 51 2.00 18.05 7.34
CA ASP A 51 1.98 17.67 5.92
C ASP A 51 1.29 16.32 5.80
N TRP A 52 0.64 16.17 4.68
CA TRP A 52 -0.02 14.90 4.28
C TRP A 52 0.50 14.43 2.94
N PHE A 53 0.16 15.12 1.86
CA PHE A 53 0.63 14.77 0.51
C PHE A 53 0.52 16.00 -0.36
N GLY A 54 1.12 15.91 -1.56
CA GLY A 54 0.97 16.91 -2.64
C GLY A 54 1.99 18.04 -2.62
N ASP A 55 2.87 18.10 -1.61
CA ASP A 55 4.01 19.04 -1.56
C ASP A 55 3.50 20.48 -1.66
N GLN A 56 2.43 20.82 -0.93
CA GLN A 56 1.88 22.20 -0.98
C GLN A 56 2.68 23.10 -0.05
N PRO A 57 2.85 24.39 -0.37
CA PRO A 57 3.49 25.32 0.55
C PRO A 57 2.80 25.37 1.90
N PHE A 58 3.58 25.18 2.95
CA PHE A 58 3.06 25.11 4.34
C PHE A 58 2.00 24.04 4.51
N ALA A 59 1.99 23.01 3.64
CA ALA A 59 1.01 21.91 3.61
C ALA A 59 -0.41 22.47 3.54
N VAL A 60 -0.57 23.67 3.01
CA VAL A 60 -1.91 24.30 2.90
C VAL A 60 -2.31 24.38 1.44
N TRP A 61 -3.36 23.68 1.06
CA TRP A 61 -3.74 23.56 -0.34
C TRP A 61 -4.42 24.85 -0.83
N PRO A 62 -4.58 25.01 -2.17
CA PRO A 62 -4.88 26.33 -2.69
C PRO A 62 -6.21 26.97 -2.26
N TRP A 63 -7.19 26.14 -1.96
CA TRP A 63 -8.51 26.61 -1.51
C TRP A 63 -8.43 27.21 -0.12
N ALA A 64 -7.45 26.83 0.72
CA ALA A 64 -7.29 27.35 2.10
C ALA A 64 -6.17 28.40 2.23
N ALA A 65 -5.22 28.43 1.31
CA ALA A 65 -4.03 29.30 1.35
C ALA A 65 -4.39 30.77 1.61
N PRO A 66 -5.47 31.32 1.02
CA PRO A 66 -5.73 32.74 1.21
C PRO A 66 -5.91 33.10 2.70
N LYS A 67 -6.50 32.22 3.47
CA LYS A 67 -6.82 32.44 4.88
C LYS A 67 -5.53 32.53 5.69
N LEU A 68 -4.37 32.10 5.15
CA LEU A 68 -3.12 32.26 5.93
C LEU A 68 -2.83 33.76 6.10
N GLY A 69 -3.30 34.64 5.22
CA GLY A 69 -2.92 36.06 5.25
C GLY A 69 -1.42 36.24 5.22
N GLY A 70 -0.72 35.34 4.52
CA GLY A 70 0.74 35.40 4.34
C GLY A 70 1.54 34.75 5.44
N ALA A 71 0.92 34.21 6.47
CA ALA A 71 1.61 33.49 7.54
C ALA A 71 2.39 32.31 6.95
N ARG A 72 3.43 31.90 7.64
CA ARG A 72 4.33 30.78 7.24
C ARG A 72 4.46 29.83 8.42
N PRO A 73 3.42 29.06 8.70
CA PRO A 73 3.44 28.13 9.82
C PRO A 73 4.57 27.13 9.64
N ALA A 74 5.01 26.60 10.77
CA ALA A 74 5.95 25.46 10.76
C ALA A 74 5.26 24.29 10.12
N VAL A 75 6.01 23.41 9.44
CA VAL A 75 5.41 22.20 8.85
C VAL A 75 5.88 20.96 9.58
N LEU A 76 4.97 20.31 10.28
CA LEU A 76 5.21 19.04 10.97
C LEU A 76 5.02 17.86 10.00
N ASN A 77 5.44 16.68 10.43
CA ASN A 77 5.16 15.48 9.63
C ASN A 77 4.95 14.29 10.57
N LEU A 78 4.30 13.26 10.04
CA LEU A 78 3.97 12.00 10.74
C LEU A 78 4.79 10.87 10.16
N ASP A 79 5.91 11.16 9.50
CA ASP A 79 6.68 10.12 8.79
C ASP A 79 7.10 9.06 9.84
N ASN A 80 7.55 9.54 10.99
CA ASN A 80 8.01 8.71 12.13
C ASN A 80 7.25 9.06 13.41
N GLY A 81 5.96 9.21 13.28
CA GLY A 81 5.08 9.52 14.41
C GLY A 81 4.93 11.03 14.64
N ILE A 82 4.16 11.37 15.64
CA ILE A 82 3.89 12.80 15.96
C ILE A 82 5.18 13.36 16.54
N GLN A 83 5.55 14.54 16.11
CA GLN A 83 6.79 15.22 16.46
C GLN A 83 6.57 15.98 17.78
N ILE A 84 6.67 15.23 18.87
CA ILE A 84 6.34 15.72 20.23
C ILE A 84 7.25 16.91 20.57
N ASP A 85 8.58 16.77 20.38
CA ASP A 85 9.54 17.81 20.81
C ASP A 85 9.34 19.04 19.94
N ARG A 86 9.08 18.88 18.63
CA ARG A 86 8.88 20.08 17.79
C ARG A 86 7.65 20.85 18.28
N ILE A 87 6.59 20.11 18.59
CA ILE A 87 5.35 20.72 19.12
C ILE A 87 5.62 21.48 20.41
N ALA A 88 6.35 20.87 21.35
CA ALA A 88 6.68 21.51 22.65
C ALA A 88 7.39 22.84 22.36
N ALA A 89 8.34 22.83 21.44
CA ALA A 89 9.18 24.01 21.13
C ALA A 89 8.33 25.16 20.56
N LEU A 90 7.19 24.85 19.92
CA LEU A 90 6.27 25.87 19.34
C LEU A 90 5.42 26.52 20.43
N LYS A 91 5.41 25.99 21.65
CA LYS A 91 4.66 26.57 22.80
C LYS A 91 3.22 26.91 22.39
N PRO A 92 2.46 25.92 21.94
CA PRO A 92 1.02 26.13 21.68
C PRO A 92 0.22 26.36 22.96
N ASP A 93 -0.95 26.97 22.79
CA ASP A 93 -1.98 26.98 23.86
C ASP A 93 -3.08 26.00 23.51
N LEU A 94 -3.13 25.47 22.29
CA LEU A 94 -4.07 24.39 21.91
C LEU A 94 -3.46 23.55 20.78
N ILE A 95 -3.54 22.25 20.98
CA ILE A 95 -3.13 21.28 19.96
C ILE A 95 -4.40 20.60 19.43
N VAL A 96 -4.59 20.65 18.13
CA VAL A 96 -5.75 19.97 17.50
C VAL A 96 -5.18 18.72 16.87
N ALA A 97 -5.55 17.54 17.39
CA ALA A 97 -4.96 16.25 16.96
C ALA A 97 -6.10 15.25 16.76
N ILE A 98 -7.06 15.62 15.91
CA ILE A 98 -8.24 14.77 15.64
C ILE A 98 -7.90 13.73 14.58
N ASN A 99 -7.11 14.14 13.59
CA ASN A 99 -6.79 13.29 12.41
C ASN A 99 -5.30 12.96 12.37
N ALA A 100 -4.75 12.50 13.49
CA ALA A 100 -3.29 12.40 13.66
C ALA A 100 -2.87 11.03 14.17
N GLY A 101 -3.80 10.11 14.29
CA GLY A 101 -3.41 8.77 14.79
C GLY A 101 -3.10 8.77 16.28
N VAL A 102 -3.70 9.67 17.06
CA VAL A 102 -3.42 9.76 18.51
C VAL A 102 -3.87 8.46 19.17
N ASP A 103 -3.05 8.01 20.09
CA ASP A 103 -3.44 6.91 21.01
C ASP A 103 -3.27 7.39 22.44
N ALA A 104 -3.47 6.49 23.42
CA ALA A 104 -3.44 6.91 24.83
C ALA A 104 -2.06 7.45 25.18
N ASP A 105 -0.99 6.81 24.71
CA ASP A 105 0.39 7.24 25.01
C ASP A 105 0.67 8.63 24.40
N THR A 106 0.38 8.86 23.11
CA THR A 106 0.70 10.16 22.46
C THR A 106 -0.24 11.25 23.00
N TYR A 107 -1.45 10.90 23.35
CA TYR A 107 -2.37 11.83 24.02
C TYR A 107 -1.74 12.37 25.29
N GLN A 108 -1.18 11.49 26.11
CA GLN A 108 -0.53 11.94 27.37
CA GLN A 108 -0.52 11.93 27.36
C GLN A 108 0.61 12.91 27.03
N GLN A 109 1.42 12.60 26.00
CA GLN A 109 2.59 13.44 25.60
C GLN A 109 2.12 14.82 25.14
N LEU A 110 1.11 14.87 24.26
CA LEU A 110 0.58 16.16 23.77
C LEU A 110 -0.05 16.95 24.92
N SER A 111 -0.81 16.27 25.79
CA SER A 111 -1.49 16.94 26.92
C SER A 111 -0.50 17.52 27.93
N ALA A 112 0.70 16.97 28.01
CA ALA A 112 1.76 17.52 28.86
C ALA A 112 2.19 18.89 28.33
N ILE A 113 2.10 19.09 27.03
CA ILE A 113 2.50 20.36 26.37
C ILE A 113 1.39 21.40 26.48
N ALA A 114 0.16 21.06 26.11
CA ALA A 114 -0.96 22.01 26.02
C ALA A 114 -2.25 21.23 25.96
N PRO A 115 -3.38 21.92 26.25
CA PRO A 115 -4.71 21.36 26.00
C PRO A 115 -4.73 20.78 24.59
N THR A 116 -5.21 19.55 24.50
CA THR A 116 -5.15 18.74 23.27
C THR A 116 -6.56 18.21 22.98
N VAL A 117 -7.03 18.47 21.77
CA VAL A 117 -8.33 17.92 21.30
C VAL A 117 -8.00 16.70 20.42
N ALA A 118 -8.41 15.53 20.89
CA ALA A 118 -8.26 14.26 20.15
C ALA A 118 -9.56 13.93 19.42
N GLN A 119 -9.52 12.83 18.65
CA GLN A 119 -10.70 12.31 17.95
C GLN A 119 -11.77 11.90 18.97
N SER A 120 -13.02 11.79 18.51
CA SER A 120 -14.15 11.48 19.43
C SER A 120 -14.38 9.96 19.55
N GLY A 121 -13.85 9.17 18.62
CA GLY A 121 -14.18 7.74 18.59
C GLY A 121 -13.11 6.80 18.06
N GLY A 122 -13.57 5.69 17.46
CA GLY A 122 -12.69 4.57 17.09
C GLY A 122 -11.83 4.91 15.87
N ASP A 123 -12.12 6.00 15.13
CA ASP A 123 -11.29 6.43 13.98
C ASP A 123 -10.18 7.38 14.46
N ALA A 124 -8.91 6.92 14.52
CA ALA A 124 -7.80 7.75 15.00
C ALA A 124 -7.36 8.63 13.84
N PHE A 125 -7.67 8.24 12.62
CA PHE A 125 -7.56 9.08 11.38
C PHE A 125 -8.90 9.07 10.69
N PHE A 126 -9.22 10.16 10.00
CA PHE A 126 -10.36 10.22 9.01
C PHE A 126 -11.67 9.86 9.73
N GLU A 127 -11.92 10.42 10.91
CA GLU A 127 -13.28 10.38 11.48
C GLU A 127 -14.18 11.17 10.55
N PRO A 128 -15.51 11.00 10.65
CA PRO A 128 -16.43 11.73 9.80
C PRO A 128 -16.18 13.23 9.76
N TRP A 129 -16.15 13.79 8.54
CA TRP A 129 -15.65 15.17 8.38
C TRP A 129 -16.47 16.13 9.22
N LYS A 130 -17.79 15.96 9.32
CA LYS A 130 -18.61 16.95 10.03
C LYS A 130 -18.33 16.86 11.52
N ASP A 131 -18.00 15.66 12.01
CA ASP A 131 -17.67 15.52 13.46
C ASP A 131 -16.39 16.32 13.74
N GLN A 132 -15.38 16.18 12.90
CA GLN A 132 -14.12 16.92 13.02
C GLN A 132 -14.42 18.43 12.96
N ALA A 133 -15.18 18.88 11.96
CA ALA A 133 -15.49 20.31 11.80
C ALA A 133 -16.17 20.84 13.10
N ARG A 134 -17.20 20.15 13.61
CA ARG A 134 -17.96 20.64 14.77
C ARG A 134 -17.03 20.69 15.97
N SER A 135 -16.13 19.75 16.11
CA SER A 135 -15.25 19.72 17.29
CA SER A 135 -15.26 19.72 17.31
C SER A 135 -14.28 20.89 17.20
N ILE A 136 -13.70 21.10 16.02
CA ILE A 136 -12.80 22.29 15.82
C ILE A 136 -13.56 23.57 16.13
N GLY A 137 -14.74 23.71 15.59
CA GLY A 137 -15.59 24.88 15.81
C GLY A 137 -15.80 25.15 17.30
N GLN A 138 -16.08 24.11 18.06
CA GLN A 138 -16.30 24.26 19.51
C GLN A 138 -14.99 24.72 20.15
N ALA A 139 -13.90 24.07 19.76
CA ALA A 139 -12.57 24.23 20.43
C ALA A 139 -12.04 25.65 20.22
N VAL A 140 -12.40 26.33 19.14
CA VAL A 140 -11.82 27.67 18.83
C VAL A 140 -12.95 28.69 18.93
N PHE A 141 -14.06 28.39 19.63
CA PHE A 141 -15.10 29.37 20.01
C PHE A 141 -15.70 29.94 18.72
N ALA A 142 -15.96 29.10 17.73
CA ALA A 142 -16.50 29.50 16.40
C ALA A 142 -17.59 28.54 15.94
N ALA A 143 -18.42 28.06 16.87
CA ALA A 143 -19.37 27.00 16.55
C ALA A 143 -20.41 27.53 15.56
N ASP A 144 -20.87 28.77 15.70
CA ASP A 144 -21.97 29.30 14.85
C ASP A 144 -21.41 29.45 13.43
N ARG A 145 -20.22 30.00 13.32
CA ARG A 145 -19.58 30.18 12.01
C ARG A 145 -19.37 28.81 11.36
N MET A 146 -18.86 27.85 12.11
CA MET A 146 -18.59 26.49 11.54
C MET A 146 -19.92 25.87 11.12
N ARG A 147 -20.98 26.11 11.88
CA ARG A 147 -22.30 25.52 11.51
C ARG A 147 -22.73 26.01 10.12
N SER A 148 -22.63 27.29 9.85
CA SER A 148 -23.00 27.89 8.55
CA SER A 148 -23.04 27.83 8.54
C SER A 148 -22.12 27.28 7.44
N LEU A 149 -20.82 27.11 7.71
CA LEU A 149 -19.91 26.52 6.71
C LEU A 149 -20.22 25.07 6.40
N ILE A 150 -20.63 24.27 7.37
CA ILE A 150 -21.02 22.87 7.11
C ILE A 150 -22.29 22.93 6.23
N GLU A 151 -23.24 23.75 6.64
CA GLU A 151 -24.52 23.87 5.91
C GLU A 151 -24.23 24.25 4.45
N ALA A 152 -23.31 25.20 4.22
CA ALA A 152 -22.99 25.68 2.88
C ALA A 152 -22.50 24.52 2.00
N VAL A 153 -21.75 23.58 2.55
CA VAL A 153 -21.30 22.40 1.80
C VAL A 153 -22.55 21.62 1.36
N ASP A 154 -23.41 21.24 2.29
CA ASP A 154 -24.58 20.44 1.97
C ASP A 154 -25.41 21.19 0.89
N GLN A 155 -25.53 22.50 1.01
CA GLN A 155 -26.41 23.26 0.11
C GLN A 155 -25.85 23.20 -1.32
N LYS A 156 -24.50 23.32 -1.47
CA LYS A 156 -23.88 23.35 -2.81
C LYS A 156 -24.12 21.99 -3.45
N PHE A 157 -23.92 20.88 -2.73
CA PHE A 157 -24.15 19.56 -3.35
C PHE A 157 -25.65 19.31 -3.65
N ALA A 158 -26.56 19.77 -2.76
CA ALA A 158 -28.01 19.67 -3.02
C ALA A 158 -28.39 20.47 -4.29
N ALA A 159 -27.71 21.61 -4.55
CA ALA A 159 -27.99 22.44 -5.72
C ALA A 159 -27.57 21.69 -7.00
N VAL A 160 -26.46 20.95 -6.94
CA VAL A 160 -26.04 20.06 -8.07
C VAL A 160 -27.18 19.08 -8.40
N ALA A 161 -27.75 18.45 -7.37
CA ALA A 161 -28.82 17.46 -7.56
C ALA A 161 -30.00 18.15 -8.22
N GLN A 162 -30.32 19.35 -7.75
CA GLN A 162 -31.52 20.03 -8.28
C GLN A 162 -31.36 20.34 -9.78
N ARG A 163 -30.16 20.68 -10.24
CA ARG A 163 -29.83 21.00 -11.64
C ARG A 163 -29.71 19.71 -12.46
N HIS A 164 -29.53 18.53 -11.85
CA HIS A 164 -29.30 17.28 -12.62
C HIS A 164 -30.18 16.16 -12.13
N PRO A 165 -31.53 16.30 -12.24
CA PRO A 165 -32.44 15.21 -11.88
C PRO A 165 -32.20 13.88 -12.60
N ARG A 166 -31.62 13.87 -13.81
CA ARG A 166 -31.38 12.63 -14.58
C ARG A 166 -30.36 11.76 -13.85
N TRP A 167 -29.53 12.33 -12.95
CA TRP A 167 -28.44 11.61 -12.27
C TRP A 167 -28.98 10.71 -11.18
N ARG A 168 -30.23 10.94 -10.78
CA ARG A 168 -30.76 10.35 -9.56
C ARG A 168 -30.77 8.84 -9.75
N GLY A 169 -30.15 8.14 -8.84
CA GLY A 169 -30.08 6.67 -8.90
C GLY A 169 -28.95 6.12 -9.75
N LYS A 170 -28.26 6.92 -10.54
CA LYS A 170 -27.11 6.45 -11.33
C LYS A 170 -26.00 6.00 -10.38
N LYS A 171 -25.27 4.97 -10.77
CA LYS A 171 -24.34 4.28 -9.85
C LYS A 171 -22.93 4.85 -10.04
N ALA A 172 -22.27 5.15 -8.96
CA ALA A 172 -20.89 5.69 -8.94
C ALA A 172 -19.98 4.78 -8.11
N LEU A 173 -18.68 4.83 -8.41
CA LEU A 173 -17.60 4.36 -7.49
C LEU A 173 -16.57 5.48 -7.39
N LEU A 174 -15.99 5.61 -6.21
CA LEU A 174 -14.88 6.53 -5.89
C LEU A 174 -13.66 5.67 -5.57
N LEU A 175 -12.66 5.75 -6.41
CA LEU A 175 -11.49 4.84 -6.38
C LEU A 175 -10.25 5.63 -6.05
N GLN A 176 -9.32 4.99 -5.34
CA GLN A 176 -7.96 5.57 -5.19
C GLN A 176 -7.28 5.67 -6.55
N GLY A 177 -6.33 6.59 -6.67
CA GLY A 177 -5.68 6.96 -7.93
C GLY A 177 -4.64 5.95 -8.38
N ARG A 178 -4.29 5.00 -7.51
CA ARG A 178 -3.26 3.96 -7.84
C ARG A 178 -3.80 2.61 -7.39
N LEU A 179 -3.39 1.56 -8.09
CA LEU A 179 -3.56 0.17 -7.64
C LEU A 179 -2.64 -0.11 -6.47
N TRP A 180 -3.02 -1.07 -5.62
CA TRP A 180 -2.16 -1.52 -4.51
C TRP A 180 -1.90 -3.00 -4.70
N GLN A 181 -0.63 -3.33 -4.96
CA GLN A 181 -0.13 -4.71 -5.13
C GLN A 181 -1.09 -5.38 -6.12
N GLY A 182 -1.51 -4.70 -7.21
CA GLY A 182 -2.39 -5.26 -8.26
C GLY A 182 -3.89 -4.98 -8.08
N ASN A 183 -4.33 -4.52 -6.94
CA ASN A 183 -5.78 -4.40 -6.57
C ASN A 183 -6.31 -2.97 -6.78
N VAL A 184 -7.52 -2.87 -7.31
CA VAL A 184 -8.27 -1.57 -7.29
C VAL A 184 -8.68 -1.33 -5.85
N VAL A 185 -8.56 -0.10 -5.35
CA VAL A 185 -8.98 0.26 -4.00
C VAL A 185 -10.13 1.26 -4.09
N ALA A 186 -11.31 0.86 -3.61
CA ALA A 186 -12.54 1.68 -3.69
C ALA A 186 -12.78 2.26 -2.32
N THR A 187 -13.41 3.39 -2.24
CA THR A 187 -13.99 3.91 -1.00
C THR A 187 -15.31 3.20 -0.78
N LEU A 188 -15.46 2.53 0.35
CA LEU A 188 -16.77 1.89 0.67
C LEU A 188 -17.80 2.99 0.93
N ALA A 189 -19.08 2.67 0.76
CA ALA A 189 -20.21 3.56 1.09
C ALA A 189 -20.08 3.94 2.56
N GLY A 190 -20.15 5.21 2.85
CA GLY A 190 -19.99 5.74 4.20
C GLY A 190 -19.90 7.24 4.13
N TRP A 191 -19.50 7.88 5.22
CA TRP A 191 -19.44 9.36 5.21
C TRP A 191 -18.66 9.88 4.01
N ARG A 192 -17.58 9.22 3.59
CA ARG A 192 -16.76 9.72 2.49
C ARG A 192 -17.51 9.75 1.16
N THR A 193 -18.60 8.99 1.02
CA THR A 193 -19.38 9.02 -0.24
C THR A 193 -20.66 9.83 -0.09
N ASP A 194 -20.92 10.45 1.05
CA ASP A 194 -22.20 11.17 1.26
C ASP A 194 -22.31 12.28 0.20
N PHE A 195 -21.20 12.94 -0.16
CA PHE A 195 -21.26 14.03 -1.15
C PHE A 195 -21.80 13.51 -2.46
N LEU A 196 -21.49 12.26 -2.85
CA LEU A 196 -21.99 11.70 -4.11
C LEU A 196 -23.50 11.46 -3.97
N ASN A 197 -23.92 10.89 -2.86
CA ASN A 197 -25.35 10.71 -2.60
C ASN A 197 -26.05 12.08 -2.63
N ASP A 198 -25.46 13.11 -2.08
CA ASP A 198 -26.07 14.43 -2.04
C ASP A 198 -26.32 14.99 -3.48
N MET A 199 -25.54 14.57 -4.48
CA MET A 199 -25.74 14.94 -5.87
C MET A 199 -26.74 13.99 -6.57
N GLY A 200 -27.26 12.97 -5.88
CA GLY A 200 -28.27 12.03 -6.38
C GLY A 200 -27.70 10.70 -6.79
N LEU A 201 -26.37 10.51 -6.68
CA LEU A 201 -25.76 9.22 -7.11
C LEU A 201 -25.85 8.20 -5.96
N VAL A 202 -25.86 6.98 -6.34
CA VAL A 202 -25.82 5.77 -5.47
CA VAL A 202 -25.74 5.86 -5.35
C VAL A 202 -24.43 5.14 -5.61
N ILE A 203 -23.87 4.58 -4.54
CA ILE A 203 -22.60 3.83 -4.66
C ILE A 203 -22.91 2.41 -5.09
N ALA A 204 -22.32 1.97 -6.19
CA ALA A 204 -22.51 0.62 -6.70
C ALA A 204 -22.20 -0.39 -5.59
N ASP A 205 -23.05 -1.38 -5.44
CA ASP A 205 -22.82 -2.37 -4.34
C ASP A 205 -21.85 -3.49 -4.73
N SER A 206 -21.21 -3.43 -5.90
CA SER A 206 -20.25 -4.46 -6.38
C SER A 206 -19.05 -4.56 -5.43
N ILE A 207 -18.76 -3.51 -4.68
CA ILE A 207 -17.53 -3.44 -3.82
C ILE A 207 -17.81 -4.07 -2.46
N LYS A 208 -19.08 -4.23 -2.09
CA LYS A 208 -19.40 -4.61 -0.69
C LYS A 208 -18.70 -5.93 -0.29
N PRO A 209 -18.59 -6.95 -1.14
CA PRO A 209 -17.97 -8.22 -0.71
C PRO A 209 -16.46 -8.12 -0.43
N PHE A 210 -15.83 -6.97 -0.74
CA PHE A 210 -14.36 -6.83 -0.78
C PHE A 210 -13.89 -5.89 0.31
N ALA A 211 -14.75 -5.67 1.32
CA ALA A 211 -14.49 -4.71 2.42
C ALA A 211 -13.23 -5.11 3.21
N VAL A 212 -12.41 -4.11 3.49
CA VAL A 212 -11.31 -4.12 4.48
C VAL A 212 -11.38 -2.77 5.18
N ASP A 213 -11.92 -2.72 6.40
CA ASP A 213 -12.08 -1.44 7.12
C ASP A 213 -12.95 -0.47 6.25
N GLN A 214 -12.48 0.71 5.89
CA GLN A 214 -13.35 1.65 5.10
C GLN A 214 -13.12 1.59 3.59
N ARG A 215 -12.45 0.58 3.06
N ARG A 215 -12.45 0.57 3.07
CA ARG A 215 -12.21 0.50 1.61
CA ARG A 215 -12.15 0.47 1.63
C ARG A 215 -12.60 -0.89 1.09
C ARG A 215 -12.62 -0.90 1.10
N GLY A 216 -12.80 -0.96 -0.22
CA GLY A 216 -12.97 -2.21 -0.91
C GLY A 216 -11.70 -2.51 -1.66
N VAL A 217 -11.08 -3.64 -1.35
CA VAL A 217 -9.81 -4.03 -2.01
C VAL A 217 -10.16 -5.13 -2.99
N ILE A 218 -10.14 -4.79 -4.27
CA ILE A 218 -10.80 -5.62 -5.30
C ILE A 218 -9.77 -6.62 -5.87
N PRO A 219 -9.96 -7.92 -5.62
CA PRO A 219 -9.11 -8.96 -6.23
C PRO A 219 -9.06 -8.82 -7.75
N ARG A 220 -7.92 -9.16 -8.35
CA ARG A 220 -7.66 -8.93 -9.77
C ARG A 220 -8.76 -9.54 -10.64
N ASP A 221 -9.16 -10.77 -10.36
CA ASP A 221 -10.17 -11.55 -11.13
C ASP A 221 -11.56 -10.95 -10.99
N HIS A 222 -11.80 -9.98 -10.06
CA HIS A 222 -13.12 -9.31 -9.91
C HIS A 222 -13.09 -7.86 -10.41
N ILE A 223 -11.94 -7.30 -10.79
CA ILE A 223 -11.85 -5.85 -11.17
C ILE A 223 -12.89 -5.55 -12.25
N LYS A 224 -12.91 -6.34 -13.31
CA LYS A 224 -13.71 -5.99 -14.49
C LYS A 224 -15.20 -5.94 -14.08
N ALA A 225 -15.69 -6.94 -13.39
CA ALA A 225 -17.14 -7.02 -13.06
C ALA A 225 -17.48 -5.92 -12.07
N VAL A 226 -16.57 -5.62 -11.16
CA VAL A 226 -16.85 -4.65 -10.08
C VAL A 226 -16.94 -3.27 -10.70
N LEU A 227 -16.00 -2.89 -11.57
CA LEU A 227 -16.03 -1.54 -12.22
C LEU A 227 -17.25 -1.44 -13.14
N ASP A 228 -17.61 -2.53 -13.81
CA ASP A 228 -18.67 -2.48 -14.84
C ASP A 228 -20.05 -2.28 -14.20
N ALA A 229 -20.19 -2.49 -12.90
CA ALA A 229 -21.43 -2.25 -12.14
C ALA A 229 -21.77 -0.77 -12.06
N ALA A 230 -20.79 0.12 -12.29
CA ALA A 230 -20.98 1.57 -12.12
C ALA A 230 -21.34 2.26 -13.46
N ASP A 231 -22.11 3.34 -13.39
CA ASP A 231 -22.36 4.25 -14.53
C ASP A 231 -21.23 5.27 -14.65
N VAL A 232 -20.59 5.64 -13.55
CA VAL A 232 -19.49 6.65 -13.56
C VAL A 232 -18.46 6.23 -12.52
N LEU A 233 -17.17 6.32 -12.86
CA LEU A 233 -16.04 5.89 -11.99
CA LEU A 233 -16.06 5.90 -11.98
C LEU A 233 -15.17 7.11 -11.78
N ILE A 234 -14.99 7.49 -10.52
CA ILE A 234 -14.19 8.67 -10.15
C ILE A 234 -12.90 8.13 -9.51
N TRP A 235 -11.81 8.25 -10.24
CA TRP A 235 -10.46 7.85 -9.78
C TRP A 235 -9.74 9.08 -9.26
N MET A 236 -9.24 9.00 -8.05
CA MET A 236 -8.53 10.13 -7.39
CA MET A 236 -8.53 10.12 -7.36
C MET A 236 -7.07 10.15 -7.84
N THR A 237 -6.88 10.28 -9.14
CA THR A 237 -5.54 10.40 -9.73
C THR A 237 -4.93 11.71 -9.27
N GLU A 238 -3.61 11.74 -9.18
CA GLU A 238 -2.84 12.93 -8.75
C GLU A 238 -1.86 13.37 -9.84
N SER A 239 -1.86 12.72 -11.00
CA SER A 239 -0.97 13.03 -12.14
C SER A 239 -1.48 12.37 -13.41
N PRO A 240 -1.04 12.83 -14.60
CA PRO A 240 -1.33 12.10 -15.83
C PRO A 240 -0.70 10.69 -15.81
N GLU A 241 0.44 10.52 -15.15
CA GLU A 241 1.12 9.18 -15.04
C GLU A 241 0.18 8.22 -14.28
N ASP A 242 -0.52 8.72 -13.26
CA ASP A 242 -1.46 7.87 -12.49
C ASP A 242 -2.55 7.37 -13.45
N GLU A 243 -3.09 8.25 -14.28
CA GLU A 243 -4.18 7.89 -15.18
C GLU A 243 -3.68 6.86 -16.20
N LYS A 244 -2.50 7.12 -16.73
CA LYS A 244 -1.86 6.20 -17.73
C LYS A 244 -1.67 4.82 -17.12
N ALA A 245 -1.17 4.70 -15.90
CA ALA A 245 -0.97 3.38 -15.23
C ALA A 245 -2.32 2.67 -15.02
N LEU A 246 -3.38 3.38 -14.67
CA LEU A 246 -4.71 2.70 -14.54
C LEU A 246 -5.18 2.19 -15.90
N LEU A 247 -5.08 2.98 -16.94
CA LEU A 247 -5.65 2.55 -18.23
C LEU A 247 -4.78 1.44 -18.85
N ALA A 248 -3.52 1.33 -18.47
CA ALA A 248 -2.58 0.27 -18.92
C ALA A 248 -2.88 -1.05 -18.21
N ASP A 249 -3.55 -1.04 -17.08
CA ASP A 249 -3.84 -2.29 -16.32
C ASP A 249 -4.74 -3.16 -17.20
N PRO A 250 -4.39 -4.44 -17.47
CA PRO A 250 -5.16 -5.24 -18.43
C PRO A 250 -6.65 -5.41 -18.07
N GLU A 251 -6.99 -5.56 -16.79
CA GLU A 251 -8.40 -5.74 -16.36
C GLU A 251 -9.14 -4.40 -16.57
N ILE A 252 -8.56 -3.30 -16.11
CA ILE A 252 -9.18 -1.96 -16.31
C ILE A 252 -9.33 -1.71 -17.82
N ALA A 253 -8.32 -2.03 -18.62
CA ALA A 253 -8.30 -1.78 -20.08
C ALA A 253 -9.42 -2.57 -20.76
N ALA A 254 -9.75 -3.77 -20.25
CA ALA A 254 -10.71 -4.69 -20.90
C ALA A 254 -12.12 -4.45 -20.40
N SER A 255 -12.34 -3.52 -19.44
CA SER A 255 -13.68 -3.31 -18.85
C SER A 255 -14.56 -2.50 -19.81
N GLN A 256 -15.87 -2.68 -19.68
CA GLN A 256 -16.88 -1.84 -20.36
C GLN A 256 -16.72 -0.41 -19.87
N ALA A 257 -16.30 -0.21 -18.62
CA ALA A 257 -16.08 1.15 -18.11
C ALA A 257 -15.08 1.87 -19.02
N THR A 258 -14.04 1.18 -19.48
CA THR A 258 -13.04 1.75 -20.41
C THR A 258 -13.65 1.88 -21.80
N ALA A 259 -14.22 0.79 -22.32
CA ALA A 259 -14.82 0.75 -23.68
C ALA A 259 -15.80 1.91 -23.83
N GLN A 260 -16.66 2.15 -22.85
CA GLN A 260 -17.77 3.14 -22.95
C GLN A 260 -17.41 4.46 -22.25
N ARG A 261 -16.15 4.68 -21.88
CA ARG A 261 -15.60 6.00 -21.44
C ARG A 261 -16.39 6.50 -20.19
N ARG A 262 -16.40 5.67 -19.16
CA ARG A 262 -17.18 5.99 -17.93
C ARG A 262 -16.25 6.54 -16.84
N HIS A 263 -14.97 6.71 -17.13
CA HIS A 263 -13.97 7.09 -16.11
C HIS A 263 -13.87 8.61 -16.03
N ILE A 264 -13.71 9.12 -14.82
CA ILE A 264 -13.21 10.48 -14.51
C ILE A 264 -11.89 10.28 -13.78
N PHE A 265 -10.86 10.94 -14.28
CA PHE A 265 -9.55 10.97 -13.62
C PHE A 265 -9.38 12.37 -13.08
N THR A 266 -9.37 12.53 -11.77
CA THR A 266 -9.29 13.84 -11.13
C THR A 266 -7.97 14.51 -11.49
N SER A 267 -7.98 15.82 -11.48
CA SER A 267 -6.71 16.59 -11.38
C SER A 267 -6.17 16.36 -9.97
N LYS A 268 -4.89 16.67 -9.78
CA LYS A 268 -4.31 16.68 -8.41
C LYS A 268 -5.08 17.55 -7.44
N GLU A 269 -5.46 18.76 -7.86
CA GLU A 269 -6.26 19.68 -6.99
C GLU A 269 -7.58 19.02 -6.62
N GLN A 270 -8.25 18.38 -7.56
CA GLN A 270 -9.54 17.73 -7.31
C GLN A 270 -9.37 16.56 -6.36
N ALA A 271 -8.33 15.75 -6.56
CA ALA A 271 -8.07 14.59 -5.69
C ALA A 271 -7.81 15.13 -4.28
N GLY A 272 -7.01 16.19 -4.14
CA GLY A 272 -6.77 16.79 -2.84
C GLY A 272 -8.07 17.29 -2.20
N ALA A 273 -8.94 17.93 -3.00
CA ALA A 273 -10.14 18.51 -2.41
C ALA A 273 -11.04 17.39 -1.86
N ILE A 274 -11.20 16.30 -2.60
CA ILE A 274 -11.97 15.13 -2.08
C ILE A 274 -11.28 14.62 -0.80
N ALA A 275 -9.97 14.41 -0.85
CA ALA A 275 -9.22 13.80 0.25
C ALA A 275 -9.35 14.67 1.53
N PHE A 276 -9.36 15.98 1.40
CA PHE A 276 -9.43 16.92 2.57
C PHE A 276 -10.85 16.94 3.14
N SER A 277 -11.86 16.69 2.31
CA SER A 277 -13.28 16.64 2.75
C SER A 277 -13.59 17.72 3.80
N SER A 278 -13.30 18.98 3.52
CA SER A 278 -13.42 20.05 4.54
C SER A 278 -14.45 21.10 4.16
N VAL A 279 -14.73 22.03 5.08
CA VAL A 279 -15.61 23.14 4.75
C VAL A 279 -15.04 23.96 3.61
N LEU A 280 -13.69 24.00 3.42
CA LEU A 280 -13.11 24.78 2.34
C LEU A 280 -12.88 23.93 1.09
N SER A 281 -12.60 22.64 1.23
CA SER A 281 -12.27 21.78 0.07
C SER A 281 -13.52 21.27 -0.64
N TYR A 282 -14.61 20.98 0.09
CA TYR A 282 -15.78 20.39 -0.58
C TYR A 282 -16.39 21.36 -1.58
N PRO A 283 -16.39 22.69 -1.37
CA PRO A 283 -16.94 23.59 -2.40
C PRO A 283 -16.15 23.53 -3.73
N VAL A 284 -14.85 23.20 -3.64
CA VAL A 284 -14.02 22.90 -4.84
C VAL A 284 -14.55 21.68 -5.60
N VAL A 285 -14.88 20.63 -4.88
CA VAL A 285 -15.48 19.42 -5.47
C VAL A 285 -16.82 19.78 -6.11
N ALA A 286 -17.65 20.53 -5.40
CA ALA A 286 -19.00 20.85 -5.92
C ALA A 286 -18.90 21.71 -7.17
N GLU A 287 -17.84 22.48 -7.32
CA GLU A 287 -17.64 23.29 -8.51
C GLU A 287 -17.09 22.47 -9.68
N GLN A 288 -16.04 21.70 -9.45
CA GLN A 288 -15.20 21.10 -10.49
C GLN A 288 -15.63 19.69 -10.86
N LEU A 289 -16.32 18.94 -9.99
CA LEU A 289 -16.71 17.56 -10.34
C LEU A 289 -17.96 17.51 -11.23
N PRO A 290 -19.03 18.30 -10.99
CA PRO A 290 -20.24 18.16 -11.81
C PRO A 290 -20.05 18.27 -13.32
N PRO A 291 -19.21 19.19 -13.85
CA PRO A 291 -19.02 19.23 -15.30
C PRO A 291 -18.44 17.89 -15.83
N GLN A 292 -17.59 17.27 -15.04
CA GLN A 292 -16.96 15.97 -15.46
C GLN A 292 -18.00 14.84 -15.42
N ILE A 293 -18.88 14.86 -14.42
CA ILE A 293 -19.97 13.85 -14.33
C ILE A 293 -20.93 14.06 -15.48
N SER A 294 -21.23 15.32 -15.83
CA SER A 294 -22.14 15.61 -16.94
CA SER A 294 -22.12 15.64 -16.96
C SER A 294 -21.60 15.00 -18.25
N GLN A 295 -20.27 15.02 -18.44
CA GLN A 295 -19.70 14.49 -19.71
C GLN A 295 -19.98 13.00 -19.82
N ILE A 296 -20.15 12.29 -18.71
CA ILE A 296 -20.35 10.83 -18.74
C ILE A 296 -21.83 10.53 -18.70
N LEU A 297 -22.58 11.13 -17.79
CA LEU A 297 -23.98 10.74 -17.60
C LEU A 297 -24.88 11.53 -18.53
N GLY A 298 -24.40 12.60 -19.16
CA GLY A 298 -25.33 13.60 -19.72
C GLY A 298 -25.77 14.59 -18.64
N ALA A 299 -26.19 15.78 -19.01
CA ALA A 299 -26.63 16.78 -18.02
C ALA A 299 -27.93 16.29 -17.37
N ALA B 9 18.41 -28.46 -29.32
CA ALA B 9 18.42 -29.49 -28.29
C ALA B 9 17.24 -29.28 -27.32
N VAL B 10 17.03 -28.12 -26.66
CA VAL B 10 16.11 -28.14 -25.47
C VAL B 10 14.78 -27.45 -25.82
N THR B 11 13.68 -28.13 -25.51
CA THR B 11 12.33 -27.61 -25.77
C THR B 11 11.65 -27.36 -24.43
N ILE B 12 11.31 -26.12 -24.15
CA ILE B 12 10.63 -25.74 -22.88
C ILE B 12 9.14 -25.58 -23.17
N THR B 13 8.30 -26.22 -22.38
CA THR B 13 6.83 -26.01 -22.41
C THR B 13 6.46 -25.00 -21.34
N HIS B 14 5.83 -23.91 -21.74
CA HIS B 14 5.30 -22.84 -20.86
C HIS B 14 3.88 -22.44 -21.30
N LEU B 15 3.30 -21.45 -20.62
CA LEU B 15 1.90 -20.98 -20.84
C LEU B 15 1.58 -20.80 -22.31
N PHE B 16 2.48 -20.19 -23.08
CA PHE B 16 2.21 -19.65 -24.43
C PHE B 16 2.58 -20.63 -25.53
N GLY B 17 3.10 -21.80 -25.16
CA GLY B 17 3.48 -22.84 -26.13
C GLY B 17 4.82 -23.42 -25.78
N GLN B 18 5.68 -23.53 -26.78
CA GLN B 18 7.01 -24.16 -26.64
C GLN B 18 8.06 -23.16 -27.10
N THR B 19 9.21 -23.18 -26.44
CA THR B 19 10.39 -22.43 -26.88
C THR B 19 11.53 -23.43 -27.09
N VAL B 20 12.18 -23.34 -28.23
CA VAL B 20 13.35 -24.19 -28.51
C VAL B 20 14.59 -23.34 -28.33
N ILE B 21 15.51 -23.86 -27.54
CA ILE B 21 16.85 -23.29 -27.29
C ILE B 21 17.88 -24.26 -27.87
N LYS B 22 18.55 -23.82 -28.92
CA LYS B 22 19.35 -24.73 -29.78
C LYS B 22 20.68 -25.02 -29.08
N GLU B 23 21.18 -24.11 -28.26
CA GLU B 23 22.54 -24.25 -27.66
C GLU B 23 22.63 -23.39 -26.40
N PRO B 24 23.59 -23.66 -25.50
CA PRO B 24 23.72 -22.87 -24.27
C PRO B 24 23.82 -21.40 -24.63
N PRO B 25 22.96 -20.55 -24.07
CA PRO B 25 22.88 -19.16 -24.53
C PRO B 25 24.01 -18.29 -23.97
N LYS B 26 24.42 -17.28 -24.73
CA LYS B 26 25.60 -16.45 -24.37
C LYS B 26 25.18 -15.00 -24.13
N ARG B 27 23.96 -14.61 -24.50
CA ARG B 27 23.48 -13.21 -24.35
C ARG B 27 22.05 -13.24 -23.76
N VAL B 28 21.94 -13.39 -22.43
CA VAL B 28 20.62 -13.67 -21.79
C VAL B 28 20.10 -12.39 -21.16
N VAL B 29 18.86 -12.04 -21.51
CA VAL B 29 18.10 -10.96 -20.84
C VAL B 29 17.25 -11.59 -19.74
N SER B 30 17.36 -11.06 -18.54
CA SER B 30 16.49 -11.46 -17.42
C SER B 30 15.44 -10.35 -17.26
N ALA B 31 14.24 -10.64 -17.72
CA ALA B 31 13.16 -9.65 -17.94
C ALA B 31 12.22 -9.59 -16.76
N GLY B 32 12.35 -10.46 -15.75
CA GLY B 32 11.47 -10.45 -14.57
C GLY B 32 12.20 -9.99 -13.31
N TYR B 33 11.48 -10.00 -12.20
CA TYR B 33 11.94 -9.38 -10.95
C TYR B 33 13.05 -10.18 -10.26
N THR B 34 13.19 -11.46 -10.48
CA THR B 34 14.05 -12.30 -9.60
C THR B 34 14.99 -13.24 -10.36
N GLU B 35 14.77 -13.45 -11.65
CA GLU B 35 15.40 -14.60 -12.36
C GLU B 35 16.93 -14.47 -12.43
N GLN B 36 17.47 -13.31 -12.21
CA GLN B 36 18.94 -13.12 -12.22
C GLN B 36 19.57 -14.07 -11.19
N ASP B 37 18.94 -14.29 -10.04
CA ASP B 37 19.60 -15.12 -9.00
C ASP B 37 19.80 -16.55 -9.51
N ASP B 38 18.75 -17.14 -10.08
CA ASP B 38 18.85 -18.55 -10.52
C ASP B 38 19.80 -18.65 -11.71
N LEU B 39 19.80 -17.65 -12.60
CA LEU B 39 20.74 -17.60 -13.74
C LEU B 39 22.18 -17.52 -13.22
N LEU B 40 22.44 -16.58 -12.32
CA LEU B 40 23.82 -16.36 -11.82
C LEU B 40 24.27 -17.62 -11.08
N ALA B 41 23.36 -18.33 -10.43
CA ALA B 41 23.72 -19.52 -9.63
C ALA B 41 24.37 -20.60 -10.52
N VAL B 42 23.97 -20.65 -11.79
CA VAL B 42 24.50 -21.65 -12.75
C VAL B 42 25.42 -20.94 -13.73
N ASP B 43 26.04 -19.85 -13.31
CA ASP B 43 27.13 -19.13 -14.05
C ASP B 43 26.63 -18.62 -15.38
N VAL B 44 25.35 -18.28 -15.47
CA VAL B 44 24.83 -17.52 -16.64
C VAL B 44 24.70 -16.05 -16.26
N VAL B 45 25.59 -15.21 -16.78
CA VAL B 45 25.62 -13.80 -16.34
C VAL B 45 24.75 -13.04 -17.33
N PRO B 46 23.59 -12.53 -16.90
CA PRO B 46 22.74 -11.83 -17.84
C PRO B 46 23.41 -10.55 -18.39
N ILE B 47 23.10 -10.20 -19.63
CA ILE B 47 23.48 -8.89 -20.24
C ILE B 47 22.46 -7.82 -19.81
N ALA B 48 21.34 -8.21 -19.19
CA ALA B 48 20.36 -7.27 -18.65
C ALA B 48 19.64 -7.95 -17.48
N VAL B 49 19.39 -7.19 -16.43
CA VAL B 49 18.69 -7.61 -15.18
C VAL B 49 17.57 -6.60 -15.00
N THR B 50 16.44 -6.98 -14.42
CA THR B 50 15.29 -6.08 -14.26
C THR B 50 15.23 -5.70 -12.81
N ASP B 51 15.18 -4.39 -12.54
CA ASP B 51 15.11 -3.89 -11.16
C ASP B 51 13.76 -4.23 -10.55
N TRP B 52 13.77 -4.44 -9.24
CA TRP B 52 12.53 -4.70 -8.46
C TRP B 52 12.44 -3.70 -7.30
N PHE B 53 13.29 -3.80 -6.29
CA PHE B 53 13.29 -2.83 -5.17
C PHE B 53 14.67 -2.87 -4.52
N GLY B 54 14.88 -1.93 -3.60
CA GLY B 54 16.06 -1.92 -2.71
C GLY B 54 17.25 -1.14 -3.23
N ASP B 55 17.21 -0.65 -4.48
CA ASP B 55 18.25 0.26 -5.02
C ASP B 55 19.64 -0.41 -4.93
N GLN B 56 19.72 -1.68 -5.36
CA GLN B 56 20.99 -2.41 -5.42
C GLN B 56 21.67 -2.10 -6.74
N PRO B 57 23.00 -1.96 -6.74
CA PRO B 57 23.79 -1.86 -7.97
C PRO B 57 23.51 -3.03 -8.92
N PHE B 58 23.17 -2.71 -10.16
CA PHE B 58 22.86 -3.70 -11.22
C PHE B 58 21.66 -4.57 -10.83
N ALA B 59 20.81 -4.10 -9.92
CA ALA B 59 19.60 -4.80 -9.41
C ALA B 59 20.02 -6.16 -8.84
N VAL B 60 21.28 -6.29 -8.46
CA VAL B 60 21.80 -7.55 -7.91
C VAL B 60 22.03 -7.38 -6.41
N TRP B 61 21.36 -8.19 -5.63
CA TRP B 61 21.49 -8.09 -4.16
C TRP B 61 22.75 -8.79 -3.67
N PRO B 62 23.13 -8.55 -2.39
CA PRO B 62 24.46 -8.96 -1.93
C PRO B 62 24.78 -10.47 -2.03
N TRP B 63 23.79 -11.31 -1.92
CA TRP B 63 24.00 -12.79 -1.95
C TRP B 63 24.32 -13.24 -3.40
N ALA B 64 24.01 -12.42 -4.39
CA ALA B 64 24.22 -12.75 -5.83
C ALA B 64 25.43 -11.98 -6.36
N ALA B 65 25.88 -10.91 -5.70
CA ALA B 65 26.94 -10.02 -6.22
C ALA B 65 28.21 -10.81 -6.57
N PRO B 66 28.66 -11.78 -5.74
CA PRO B 66 29.88 -12.54 -6.08
C PRO B 66 29.73 -13.28 -7.43
N LYS B 67 28.59 -13.94 -7.68
CA LYS B 67 28.39 -14.64 -8.96
C LYS B 67 28.37 -13.61 -10.08
N LEU B 68 27.92 -12.39 -9.82
CA LEU B 68 27.84 -11.36 -10.87
C LEU B 68 29.27 -11.01 -11.28
N GLY B 69 30.18 -11.07 -10.30
CA GLY B 69 31.60 -10.71 -10.51
C GLY B 69 31.69 -9.27 -10.96
N GLY B 70 32.48 -8.96 -11.99
CA GLY B 70 32.64 -7.57 -12.45
C GLY B 70 31.74 -7.28 -13.62
N ALA B 71 30.75 -8.12 -13.92
CA ALA B 71 29.81 -7.84 -15.02
C ALA B 71 28.99 -6.59 -14.68
N ARG B 72 28.53 -5.86 -15.69
CA ARG B 72 27.81 -4.58 -15.52
C ARG B 72 26.65 -4.62 -16.48
N PRO B 73 25.67 -5.49 -16.21
CA PRO B 73 24.56 -5.64 -17.13
C PRO B 73 23.77 -4.33 -17.20
N ALA B 74 23.01 -4.18 -18.28
CA ALA B 74 21.98 -3.14 -18.38
C ALA B 74 20.92 -3.43 -17.30
N VAL B 75 20.30 -2.38 -16.79
CA VAL B 75 19.17 -2.55 -15.81
C VAL B 75 17.88 -2.09 -16.50
N LEU B 76 16.98 -3.03 -16.71
CA LEU B 76 15.61 -2.80 -17.21
C LEU B 76 14.70 -2.47 -16.04
N ASN B 77 13.50 -1.97 -16.36
CA ASN B 77 12.45 -1.83 -15.33
C ASN B 77 11.09 -2.14 -15.95
N LEU B 78 10.12 -2.47 -15.09
CA LEU B 78 8.72 -2.76 -15.46
C LEU B 78 7.80 -1.63 -15.00
N ASP B 79 8.31 -0.43 -14.80
CA ASP B 79 7.46 0.71 -14.32
C ASP B 79 6.29 0.91 -15.30
N ASN B 80 6.53 0.76 -16.60
CA ASN B 80 5.49 0.92 -17.65
C ASN B 80 5.31 -0.35 -18.48
N GLY B 81 5.40 -1.51 -17.83
CA GLY B 81 5.54 -2.83 -18.47
C GLY B 81 6.89 -3.04 -19.14
N ILE B 82 6.94 -4.12 -19.89
CA ILE B 82 8.21 -4.67 -20.39
C ILE B 82 8.77 -3.69 -21.41
N GLN B 83 10.05 -3.41 -21.31
CA GLN B 83 10.81 -2.51 -22.23
C GLN B 83 11.21 -3.27 -23.50
N ILE B 84 10.23 -3.63 -24.31
CA ILE B 84 10.37 -4.33 -25.62
C ILE B 84 11.47 -3.63 -26.45
N ASP B 85 11.41 -2.29 -26.52
CA ASP B 85 12.36 -1.48 -27.32
C ASP B 85 13.81 -1.70 -26.85
N ARG B 86 14.09 -1.58 -25.54
CA ARG B 86 15.48 -1.79 -25.05
C ARG B 86 15.91 -3.25 -25.22
N ILE B 87 14.99 -4.19 -25.07
CA ILE B 87 15.34 -5.64 -25.18
C ILE B 87 15.76 -5.95 -26.62
N ALA B 88 15.00 -5.47 -27.59
CA ALA B 88 15.34 -5.63 -29.05
C ALA B 88 16.79 -5.16 -29.27
N ALA B 89 17.12 -3.98 -28.73
CA ALA B 89 18.41 -3.30 -28.95
C ALA B 89 19.56 -4.12 -28.37
N LEU B 90 19.31 -4.89 -27.30
CA LEU B 90 20.35 -5.68 -26.60
C LEU B 90 20.73 -6.94 -27.39
N LYS B 91 19.97 -7.32 -28.43
CA LYS B 91 20.31 -8.48 -29.31
C LYS B 91 20.64 -9.70 -28.45
N PRO B 92 19.70 -10.13 -27.58
CA PRO B 92 19.92 -11.34 -26.79
C PRO B 92 19.79 -12.60 -27.68
N ASP B 93 20.33 -13.73 -27.24
CA ASP B 93 19.96 -15.05 -27.82
C ASP B 93 18.94 -15.77 -26.92
N LEU B 94 18.64 -15.29 -25.70
CA LEU B 94 17.56 -15.87 -24.86
C LEU B 94 16.98 -14.80 -23.94
N ILE B 95 15.67 -14.78 -23.84
CA ILE B 95 14.95 -13.89 -22.92
C ILE B 95 14.28 -14.76 -21.87
N VAL B 96 14.62 -14.55 -20.61
CA VAL B 96 13.90 -15.23 -19.49
C VAL B 96 12.88 -14.25 -18.93
N ALA B 97 11.60 -14.60 -18.97
CA ALA B 97 10.50 -13.69 -18.63
C ALA B 97 9.44 -14.51 -17.92
N ILE B 98 9.85 -15.09 -16.79
CA ILE B 98 9.02 -15.97 -15.98
C ILE B 98 8.27 -15.12 -15.00
N ASN B 99 8.95 -14.10 -14.47
CA ASN B 99 8.44 -13.33 -13.34
C ASN B 99 8.29 -11.87 -13.80
N ALA B 100 7.56 -11.63 -14.89
CA ALA B 100 7.63 -10.36 -15.65
C ALA B 100 6.25 -9.87 -16.13
N GLY B 101 5.17 -10.55 -15.78
CA GLY B 101 3.81 -10.15 -16.26
C GLY B 101 3.62 -10.41 -17.76
N VAL B 102 4.28 -11.40 -18.33
CA VAL B 102 4.19 -11.63 -19.81
C VAL B 102 2.73 -11.98 -20.17
N ASP B 103 2.28 -11.48 -21.30
CA ASP B 103 0.96 -11.89 -21.89
C ASP B 103 1.21 -12.43 -23.29
N ALA B 104 0.13 -12.80 -24.00
CA ALA B 104 0.27 -13.38 -25.34
C ALA B 104 0.87 -12.31 -26.27
N ASP B 105 0.52 -11.03 -26.12
CA ASP B 105 1.07 -9.94 -26.95
C ASP B 105 2.59 -9.78 -26.74
N THR B 106 3.04 -9.58 -25.50
CA THR B 106 4.48 -9.30 -25.22
C THR B 106 5.29 -10.58 -25.48
N TYR B 107 4.69 -11.75 -25.28
CA TYR B 107 5.32 -13.03 -25.67
C TYR B 107 5.69 -13.02 -27.16
N GLN B 108 4.76 -12.59 -28.01
CA GLN B 108 5.00 -12.56 -29.46
C GLN B 108 6.12 -11.56 -29.75
N GLN B 109 6.12 -10.40 -29.06
CA GLN B 109 7.14 -9.32 -29.30
C GLN B 109 8.49 -9.71 -28.75
N LEU B 110 8.52 -10.38 -27.60
CA LEU B 110 9.79 -10.91 -27.03
C LEU B 110 10.26 -12.03 -27.97
N SER B 111 9.37 -12.90 -28.40
CA SER B 111 9.71 -14.07 -29.25
C SER B 111 10.25 -13.62 -30.61
N ALA B 112 9.81 -12.46 -31.12
CA ALA B 112 10.31 -11.93 -32.42
C ALA B 112 11.75 -11.43 -32.24
N ILE B 113 12.16 -11.14 -31.00
CA ILE B 113 13.54 -10.70 -30.68
C ILE B 113 14.43 -11.93 -30.47
N ALA B 114 13.97 -12.90 -29.67
CA ALA B 114 14.75 -14.08 -29.26
C ALA B 114 13.83 -15.14 -28.66
N PRO B 115 14.25 -16.42 -28.68
CA PRO B 115 13.60 -17.45 -27.88
C PRO B 115 13.35 -16.90 -26.46
N THR B 116 12.12 -17.09 -25.97
CA THR B 116 11.57 -16.46 -24.78
C THR B 116 10.96 -17.55 -23.90
N VAL B 117 11.46 -17.63 -22.68
CA VAL B 117 10.92 -18.53 -21.64
C VAL B 117 9.95 -17.73 -20.78
N ALA B 118 8.68 -18.10 -20.85
CA ALA B 118 7.62 -17.47 -20.07
C ALA B 118 7.29 -18.35 -18.88
N GLN B 119 6.44 -17.85 -18.00
CA GLN B 119 5.86 -18.57 -16.85
C GLN B 119 5.15 -19.86 -17.33
N SER B 120 4.99 -20.85 -16.45
CA SER B 120 4.50 -22.19 -16.85
C SER B 120 2.96 -22.25 -16.82
N GLY B 121 2.32 -21.28 -16.14
CA GLY B 121 0.88 -21.32 -15.81
C GLY B 121 0.25 -19.95 -15.66
N GLY B 122 -0.74 -19.88 -14.75
CA GLY B 122 -1.58 -18.68 -14.62
C GLY B 122 -0.93 -17.61 -13.78
N ASP B 123 0.29 -17.80 -13.26
CA ASP B 123 0.98 -16.78 -12.43
C ASP B 123 1.92 -16.01 -13.34
N ALA B 124 1.55 -14.82 -13.77
CA ALA B 124 2.37 -14.01 -14.69
C ALA B 124 3.54 -13.43 -13.88
N PHE B 125 3.39 -13.30 -12.56
CA PHE B 125 4.46 -12.93 -11.60
C PHE B 125 4.46 -13.94 -10.46
N PHE B 126 5.65 -14.22 -9.89
CA PHE B 126 5.83 -14.96 -8.61
C PHE B 126 5.13 -16.34 -8.67
N GLU B 127 5.38 -17.08 -9.73
CA GLU B 127 5.16 -18.55 -9.69
C GLU B 127 6.07 -19.20 -8.66
N PRO B 128 5.74 -20.43 -8.21
CA PRO B 128 6.53 -21.15 -7.23
C PRO B 128 8.03 -21.18 -7.58
N TRP B 129 8.84 -20.86 -6.61
CA TRP B 129 10.27 -20.57 -6.89
C TRP B 129 10.92 -21.77 -7.53
N LYS B 130 10.57 -23.00 -7.11
CA LYS B 130 11.28 -24.18 -7.64
C LYS B 130 10.90 -24.40 -9.09
N ASP B 131 9.69 -24.01 -9.46
CA ASP B 131 9.24 -24.19 -10.88
C ASP B 131 10.09 -23.22 -11.74
N GLN B 132 10.24 -21.98 -11.28
CA GLN B 132 11.08 -20.95 -11.94
C GLN B 132 12.53 -21.47 -12.04
N ALA B 133 13.12 -21.94 -10.95
CA ALA B 133 14.51 -22.43 -10.93
C ALA B 133 14.68 -23.59 -11.91
N ARG B 134 13.79 -24.60 -11.90
CA ARG B 134 13.89 -25.76 -12.82
CA ARG B 134 13.85 -25.77 -12.82
C ARG B 134 13.77 -25.29 -14.27
N SER B 135 12.89 -24.34 -14.54
CA SER B 135 12.66 -23.91 -15.94
C SER B 135 13.93 -23.20 -16.43
N ILE B 136 14.49 -22.32 -15.60
CA ILE B 136 15.76 -21.63 -15.94
C ILE B 136 16.85 -22.67 -16.16
N GLY B 137 16.98 -23.63 -15.23
CA GLY B 137 18.02 -24.67 -15.34
C GLY B 137 17.94 -25.40 -16.67
N GLN B 138 16.74 -25.81 -17.04
CA GLN B 138 16.52 -26.52 -18.29
C GLN B 138 16.92 -25.61 -19.46
N ALA B 139 16.48 -24.36 -19.43
CA ALA B 139 16.59 -23.42 -20.55
C ALA B 139 18.07 -23.08 -20.80
N VAL B 140 18.92 -23.10 -19.79
CA VAL B 140 20.36 -22.73 -19.96
C VAL B 140 21.22 -24.00 -19.83
N PHE B 141 20.65 -25.18 -20.02
CA PHE B 141 21.42 -26.45 -20.15
C PHE B 141 22.23 -26.73 -18.88
N ALA B 142 21.61 -26.54 -17.72
CA ALA B 142 22.26 -26.69 -16.40
C ALA B 142 21.26 -27.41 -15.47
N ALA B 143 20.48 -28.34 -16.01
CA ALA B 143 19.32 -28.87 -15.23
C ALA B 143 19.85 -29.65 -14.02
N ASP B 144 20.91 -30.44 -14.18
CA ASP B 144 21.39 -31.33 -13.09
C ASP B 144 22.02 -30.43 -12.03
N ARG B 145 22.79 -29.44 -12.44
CA ARG B 145 23.41 -28.51 -11.50
C ARG B 145 22.29 -27.79 -10.72
N MET B 146 21.25 -27.32 -11.40
CA MET B 146 20.16 -26.57 -10.73
C MET B 146 19.46 -27.54 -9.75
N ARG B 147 19.29 -28.80 -10.14
CA ARG B 147 18.63 -29.80 -9.25
C ARG B 147 19.43 -29.90 -7.95
N SER B 148 20.75 -30.04 -7.99
CA SER B 148 21.61 -30.14 -6.78
C SER B 148 21.47 -28.87 -5.93
N LEU B 149 21.46 -27.68 -6.58
CA LEU B 149 21.30 -26.37 -5.86
C LEU B 149 19.96 -26.35 -5.11
N ILE B 150 18.85 -26.71 -5.75
CA ILE B 150 17.52 -26.70 -5.07
C ILE B 150 17.53 -27.72 -3.93
N GLU B 151 18.06 -28.92 -4.17
CA GLU B 151 18.17 -29.98 -3.13
C GLU B 151 18.98 -29.45 -1.93
N ALA B 152 20.08 -28.76 -2.17
CA ALA B 152 20.94 -28.26 -1.08
C ALA B 152 20.17 -27.18 -0.30
N VAL B 153 19.33 -26.36 -0.94
CA VAL B 153 18.54 -25.36 -0.18
C VAL B 153 17.58 -26.11 0.77
N ASP B 154 16.91 -27.12 0.23
CA ASP B 154 15.93 -27.92 1.02
C ASP B 154 16.65 -28.60 2.18
N GLN B 155 17.83 -29.11 1.94
CA GLN B 155 18.58 -29.84 2.98
C GLN B 155 18.99 -28.84 4.09
N LYS B 156 19.35 -27.63 3.72
CA LYS B 156 19.71 -26.57 4.71
C LYS B 156 18.54 -26.40 5.68
N PHE B 157 17.33 -26.21 5.15
CA PHE B 157 16.15 -26.00 6.01
C PHE B 157 15.83 -27.28 6.82
N ALA B 158 15.95 -28.45 6.20
CA ALA B 158 15.74 -29.74 6.90
C ALA B 158 16.72 -29.87 8.08
N ALA B 159 17.99 -29.43 7.92
CA ALA B 159 18.99 -29.49 9.01
C ALA B 159 18.56 -28.57 10.16
N VAL B 160 17.95 -27.43 9.85
CA VAL B 160 17.39 -26.56 10.89
C VAL B 160 16.39 -27.36 11.72
N ALA B 161 15.42 -28.04 11.07
CA ALA B 161 14.37 -28.76 11.81
C ALA B 161 15.05 -29.88 12.63
N GLN B 162 16.02 -30.57 12.06
CA GLN B 162 16.69 -31.67 12.79
C GLN B 162 17.32 -31.17 14.11
N ARG B 163 17.92 -29.99 14.12
CA ARG B 163 18.58 -29.45 15.35
C ARG B 163 17.60 -28.64 16.20
N HIS B 164 16.36 -28.47 15.76
CA HIS B 164 15.31 -27.77 16.52
C HIS B 164 14.03 -28.59 16.54
N PRO B 165 14.02 -29.82 17.07
CA PRO B 165 12.79 -30.63 17.10
C PRO B 165 11.67 -29.99 17.90
N ARG B 166 11.95 -29.15 18.89
CA ARG B 166 10.91 -28.55 19.77
C ARG B 166 10.21 -27.39 19.05
N TRP B 167 10.62 -27.03 17.84
CA TRP B 167 9.86 -26.11 16.96
C TRP B 167 8.63 -26.81 16.34
N ARG B 168 8.54 -28.12 16.38
CA ARG B 168 7.53 -28.87 15.62
C ARG B 168 6.15 -28.34 16.05
N GLY B 169 5.40 -27.80 15.09
CA GLY B 169 4.00 -27.37 15.37
C GLY B 169 3.90 -26.00 15.94
N LYS B 170 5.01 -25.32 16.16
CA LYS B 170 4.92 -23.91 16.63
CA LYS B 170 4.87 -23.92 16.64
C LYS B 170 4.39 -23.08 15.47
N LYS B 171 3.63 -22.05 15.76
CA LYS B 171 2.88 -21.31 14.73
C LYS B 171 3.64 -20.04 14.37
N ALA B 172 3.77 -19.79 13.07
CA ALA B 172 4.46 -18.60 12.53
C ALA B 172 3.53 -17.78 11.65
N LEU B 173 3.81 -16.49 11.56
CA LEU B 173 3.28 -15.58 10.53
C LEU B 173 4.46 -14.86 9.88
N LEU B 174 4.36 -14.69 8.56
CA LEU B 174 5.31 -13.89 7.75
C LEU B 174 4.57 -12.65 7.27
N LEU B 175 5.00 -11.48 7.73
CA LEU B 175 4.28 -10.21 7.54
C LEU B 175 5.13 -9.26 6.69
N GLN B 176 4.47 -8.37 5.96
CA GLN B 176 5.17 -7.23 5.31
C GLN B 176 5.70 -6.29 6.39
N GLY B 177 6.78 -5.57 6.07
CA GLY B 177 7.51 -4.72 7.03
C GLY B 177 6.83 -3.39 7.35
N ARG B 178 5.80 -3.07 6.59
CA ARG B 178 5.02 -1.83 6.75
C ARG B 178 3.53 -2.15 6.75
N LEU B 179 2.79 -1.38 7.52
CA LEU B 179 1.32 -1.33 7.44
C LEU B 179 0.92 -0.72 6.09
N TRP B 180 -0.17 -1.20 5.52
CA TRP B 180 -0.80 -0.59 4.34
C TRP B 180 -2.15 0.03 4.74
N GLN B 181 -2.15 1.36 4.66
CA GLN B 181 -3.30 2.19 5.08
C GLN B 181 -3.82 1.69 6.42
N GLY B 182 -2.93 1.34 7.37
CA GLY B 182 -3.35 0.94 8.74
C GLY B 182 -3.43 -0.56 8.98
N ASN B 183 -3.36 -1.37 7.93
CA ASN B 183 -3.56 -2.84 7.97
C ASN B 183 -2.23 -3.58 7.96
N VAL B 184 -2.15 -4.58 8.81
CA VAL B 184 -1.07 -5.61 8.68
C VAL B 184 -1.33 -6.39 7.39
N VAL B 185 -0.26 -6.66 6.65
CA VAL B 185 -0.31 -7.48 5.43
C VAL B 185 0.52 -8.77 5.61
N ALA B 186 -0.15 -9.92 5.51
CA ALA B 186 0.48 -11.23 5.77
C ALA B 186 0.68 -11.94 4.43
N THR B 187 1.75 -12.74 4.33
CA THR B 187 1.83 -13.80 3.30
C THR B 187 0.90 -14.93 3.64
N LEU B 188 -0.06 -15.25 2.77
CA LEU B 188 -0.95 -16.41 2.98
C LEU B 188 -0.12 -17.70 2.92
N ALA B 189 -0.55 -18.76 3.60
CA ALA B 189 0.04 -20.10 3.42
C ALA B 189 0.08 -20.42 1.93
N GLY B 190 1.21 -20.89 1.49
CA GLY B 190 1.44 -21.26 0.09
C GLY B 190 2.89 -21.56 -0.11
N TRP B 191 3.27 -21.65 -1.37
CA TRP B 191 4.72 -21.94 -1.62
C TRP B 191 5.64 -21.00 -0.89
N ARG B 192 5.28 -19.73 -0.75
CA ARG B 192 6.17 -18.73 -0.07
C ARG B 192 6.38 -19.05 1.40
N THR B 193 5.54 -19.88 2.03
CA THR B 193 5.71 -20.27 3.45
C THR B 193 6.27 -21.69 3.58
N ASP B 194 6.56 -22.39 2.46
CA ASP B 194 7.05 -23.78 2.55
C ASP B 194 8.37 -23.83 3.36
N PHE B 195 9.23 -22.85 3.22
CA PHE B 195 10.54 -22.87 3.91
C PHE B 195 10.30 -22.89 5.42
N LEU B 196 9.24 -22.24 5.92
CA LEU B 196 8.86 -22.27 7.37
C LEU B 196 8.38 -23.67 7.75
N ASN B 197 7.55 -24.28 6.92
CA ASN B 197 7.12 -25.66 7.17
C ASN B 197 8.30 -26.65 7.17
N ASP B 198 9.30 -26.42 6.31
CA ASP B 198 10.51 -27.26 6.23
C ASP B 198 11.26 -27.20 7.55
N MET B 199 11.10 -26.14 8.34
CA MET B 199 11.79 -26.07 9.64
C MET B 199 10.91 -26.66 10.76
N GLY B 200 9.71 -27.17 10.43
CA GLY B 200 8.76 -27.80 11.36
C GLY B 200 7.73 -26.85 11.92
N LEU B 201 7.69 -25.60 11.45
CA LEU B 201 6.68 -24.61 11.82
C LEU B 201 5.44 -24.76 10.95
N VAL B 202 4.33 -24.35 11.52
CA VAL B 202 3.05 -24.28 10.78
C VAL B 202 2.63 -22.82 10.74
N ILE B 203 1.83 -22.47 9.75
CA ILE B 203 1.37 -21.07 9.58
C ILE B 203 0.08 -20.87 10.33
N ALA B 204 0.02 -19.88 11.24
CA ALA B 204 -1.21 -19.65 12.02
C ALA B 204 -2.39 -19.46 11.06
N ASP B 205 -3.53 -20.08 11.37
CA ASP B 205 -4.70 -19.95 10.45
C ASP B 205 -5.49 -18.66 10.74
N SER B 206 -5.06 -17.75 11.65
CA SER B 206 -5.84 -16.55 12.04
C SER B 206 -5.96 -15.59 10.83
N ILE B 207 -5.06 -15.72 9.86
CA ILE B 207 -5.01 -14.84 8.66
C ILE B 207 -6.02 -15.32 7.60
N LYS B 208 -6.45 -16.59 7.66
CA LYS B 208 -7.20 -17.15 6.51
C LYS B 208 -8.45 -16.34 6.16
N PRO B 209 -9.23 -15.79 7.10
CA PRO B 209 -10.45 -15.07 6.70
C PRO B 209 -10.23 -13.71 6.00
N PHE B 210 -9.02 -13.26 5.93
CA PHE B 210 -8.63 -11.88 5.50
C PHE B 210 -7.92 -11.91 4.15
N ALA B 211 -8.12 -12.95 3.35
CA ALA B 211 -7.46 -13.11 2.05
C ALA B 211 -7.94 -12.04 1.06
N VAL B 212 -6.96 -11.48 0.37
CA VAL B 212 -7.08 -10.65 -0.86
C VAL B 212 -6.02 -11.15 -1.84
N ASP B 213 -6.42 -11.94 -2.83
CA ASP B 213 -5.41 -12.65 -3.68
C ASP B 213 -4.46 -13.45 -2.80
N GLN B 214 -3.15 -13.24 -2.89
CA GLN B 214 -2.10 -14.03 -2.18
C GLN B 214 -1.74 -13.45 -0.80
N ARG B 215 -2.44 -12.41 -0.30
CA ARG B 215 -2.10 -11.82 1.01
C ARG B 215 -3.30 -11.83 1.94
N GLY B 216 -3.01 -11.70 3.21
CA GLY B 216 -4.01 -11.48 4.27
C GLY B 216 -3.93 -10.03 4.65
N VAL B 217 -5.02 -9.27 4.42
CA VAL B 217 -5.05 -7.85 4.77
C VAL B 217 -5.91 -7.73 6.00
N ILE B 218 -5.25 -7.47 7.12
CA ILE B 218 -5.86 -7.62 8.47
C ILE B 218 -6.50 -6.31 8.88
N PRO B 219 -7.84 -6.27 8.99
CA PRO B 219 -8.56 -5.12 9.55
C PRO B 219 -8.00 -4.74 10.93
N ARG B 220 -8.02 -3.45 11.22
CA ARG B 220 -7.34 -2.90 12.41
C ARG B 220 -7.93 -3.56 13.66
N ASP B 221 -9.25 -3.76 13.73
CA ASP B 221 -9.93 -4.33 14.93
C ASP B 221 -9.56 -5.80 15.12
N HIS B 222 -8.95 -6.46 14.12
CA HIS B 222 -8.51 -7.87 14.22
C HIS B 222 -6.99 -8.02 14.38
N ILE B 223 -6.18 -6.96 14.29
CA ILE B 223 -4.71 -7.12 14.32
C ILE B 223 -4.31 -7.87 15.59
N LYS B 224 -4.78 -7.44 16.74
CA LYS B 224 -4.26 -7.99 18.00
C LYS B 224 -4.56 -9.51 18.05
N ALA B 225 -5.79 -9.92 17.78
CA ALA B 225 -6.19 -11.34 17.87
C ALA B 225 -5.42 -12.15 16.82
N VAL B 226 -5.21 -11.58 15.63
CA VAL B 226 -4.59 -12.34 14.52
C VAL B 226 -3.11 -12.59 14.85
N LEU B 227 -2.40 -11.58 15.37
CA LEU B 227 -0.98 -11.74 15.76
C LEU B 227 -0.86 -12.67 16.96
N ASP B 228 -1.79 -12.59 17.89
CA ASP B 228 -1.70 -13.37 19.15
C ASP B 228 -1.88 -14.87 18.91
N ALA B 229 -2.30 -15.25 17.70
CA ALA B 229 -2.50 -16.66 17.32
C ALA B 229 -1.16 -17.34 17.01
N ALA B 230 -0.11 -16.55 16.85
CA ALA B 230 1.21 -17.07 16.44
C ALA B 230 2.17 -17.12 17.65
N ASP B 231 3.10 -18.07 17.62
CA ASP B 231 4.22 -18.19 18.57
C ASP B 231 5.39 -17.29 18.13
N VAL B 232 5.55 -17.07 16.82
CA VAL B 232 6.65 -16.23 16.29
C VAL B 232 6.14 -15.46 15.08
N LEU B 233 6.45 -14.18 15.03
CA LEU B 233 6.02 -13.25 13.96
CA LEU B 233 6.03 -13.30 13.93
C LEU B 233 7.27 -12.75 13.26
N ILE B 234 7.33 -12.94 11.93
CA ILE B 234 8.50 -12.49 11.14
C ILE B 234 8.00 -11.34 10.27
N TRP B 235 8.45 -10.15 10.60
CA TRP B 235 8.11 -8.91 9.86
C TRP B 235 9.26 -8.59 8.93
N MET B 236 8.95 -8.43 7.66
CA MET B 236 9.96 -8.14 6.59
CA MET B 236 9.95 -8.14 6.58
C MET B 236 10.30 -6.64 6.57
N THR B 237 10.73 -6.14 7.68
CA THR B 237 11.26 -4.77 7.86
C THR B 237 12.53 -4.59 7.03
N GLU B 238 12.79 -3.36 6.62
CA GLU B 238 13.99 -2.95 5.85
C GLU B 238 14.81 -1.91 6.62
N SER B 239 14.39 -1.48 7.80
CA SER B 239 15.10 -0.46 8.59
C SER B 239 14.69 -0.51 10.05
N PRO B 240 15.49 0.07 10.97
CA PRO B 240 15.04 0.27 12.33
C PRO B 240 13.76 1.14 12.38
N GLU B 241 13.62 2.12 11.48
CA GLU B 241 12.42 3.00 11.40
C GLU B 241 11.18 2.14 11.14
N ASP B 242 11.30 1.11 10.28
CA ASP B 242 10.15 0.23 9.98
C ASP B 242 9.76 -0.48 11.27
N GLU B 243 10.74 -0.96 12.03
CA GLU B 243 10.44 -1.68 13.29
C GLU B 243 9.71 -0.73 14.27
N LYS B 244 10.23 0.49 14.40
CA LYS B 244 9.65 1.46 15.32
C LYS B 244 8.21 1.76 14.92
N ALA B 245 7.91 1.91 13.62
CA ALA B 245 6.55 2.21 13.17
C ALA B 245 5.58 1.06 13.55
N LEU B 246 6.01 -0.20 13.41
CA LEU B 246 5.17 -1.33 13.85
C LEU B 246 4.99 -1.34 15.36
N LEU B 247 6.04 -1.13 16.16
CA LEU B 247 5.87 -1.23 17.62
C LEU B 247 5.03 -0.07 18.19
N ALA B 248 5.00 1.04 17.47
CA ALA B 248 4.26 2.28 17.83
C ALA B 248 2.78 2.10 17.52
N ASP B 249 2.42 1.16 16.63
CA ASP B 249 1.00 0.94 16.29
C ASP B 249 0.26 0.47 17.54
N PRO B 250 -0.85 1.11 17.96
CA PRO B 250 -1.47 0.76 19.24
C PRO B 250 -1.97 -0.69 19.31
N GLU B 251 -2.41 -1.26 18.17
CA GLU B 251 -2.89 -2.67 18.15
C GLU B 251 -1.69 -3.59 18.34
N ILE B 252 -0.64 -3.35 17.59
CA ILE B 252 0.61 -4.14 17.68
C ILE B 252 1.17 -4.01 19.10
N ALA B 253 1.20 -2.79 19.62
CA ALA B 253 1.78 -2.44 20.93
C ALA B 253 1.03 -3.19 22.02
N ALA B 254 -0.28 -3.38 21.88
CA ALA B 254 -1.15 -3.98 22.91
C ALA B 254 -1.17 -5.51 22.81
N SER B 255 -0.54 -6.11 21.82
CA SER B 255 -0.67 -7.55 21.56
C SER B 255 0.22 -8.31 22.55
N GLN B 256 -0.17 -9.56 22.83
CA GLN B 256 0.67 -10.49 23.62
C GLN B 256 1.98 -10.70 22.87
N ALA B 257 1.91 -10.69 21.55
CA ALA B 257 3.11 -10.84 20.72
C ALA B 257 4.16 -9.81 21.15
N THR B 258 3.79 -8.54 21.41
CA THR B 258 4.74 -7.50 21.89
C THR B 258 5.14 -7.73 23.36
N ALA B 259 4.15 -7.97 24.22
CA ALA B 259 4.36 -8.18 25.67
C ALA B 259 5.37 -9.30 25.87
N GLN B 260 5.24 -10.42 25.14
CA GLN B 260 6.09 -11.64 25.32
C GLN B 260 7.26 -11.67 24.33
N ARG B 261 7.47 -10.62 23.52
CA ARG B 261 8.66 -10.45 22.66
C ARG B 261 8.70 -11.61 21.62
N ARG B 262 7.65 -11.73 20.85
CA ARG B 262 7.53 -12.84 19.86
C ARG B 262 7.87 -12.33 18.44
N HIS B 263 8.27 -11.08 18.29
CA HIS B 263 8.53 -10.44 17.00
C HIS B 263 9.98 -10.65 16.54
N ILE B 264 10.13 -10.99 15.27
CA ILE B 264 11.40 -10.81 14.51
C ILE B 264 11.23 -9.67 13.51
N PHE B 265 12.15 -8.71 13.57
CA PHE B 265 12.22 -7.62 12.59
C PHE B 265 13.45 -7.86 11.72
N THR B 266 13.22 -8.22 10.46
CA THR B 266 14.32 -8.59 9.55
C THR B 266 15.22 -7.40 9.29
N SER B 267 16.50 -7.66 9.02
CA SER B 267 17.34 -6.66 8.33
C SER B 267 16.77 -6.48 6.91
N LYS B 268 17.21 -5.41 6.23
CA LYS B 268 16.91 -5.24 4.80
C LYS B 268 17.36 -6.45 3.97
N GLU B 269 18.58 -6.94 4.22
CA GLU B 269 19.13 -8.09 3.47
C GLU B 269 18.23 -9.30 3.68
N GLN B 270 17.81 -9.55 4.92
CA GLN B 270 16.96 -10.71 5.21
C GLN B 270 15.61 -10.56 4.53
N ALA B 271 15.02 -9.36 4.58
CA ALA B 271 13.72 -9.10 3.92
C ALA B 271 13.87 -9.38 2.43
N GLY B 272 14.92 -8.88 1.82
CA GLY B 272 15.17 -9.11 0.40
C GLY B 272 15.36 -10.56 0.08
N ALA B 273 16.09 -11.28 0.91
CA ALA B 273 16.40 -12.69 0.64
C ALA B 273 15.09 -13.49 0.69
N ILE B 274 14.20 -13.19 1.63
CA ILE B 274 12.88 -13.88 1.65
C ILE B 274 12.14 -13.50 0.39
N ALA B 275 12.10 -12.21 0.04
CA ALA B 275 11.32 -11.74 -1.12
C ALA B 275 11.80 -12.42 -2.43
N PHE B 276 13.10 -12.61 -2.59
CA PHE B 276 13.71 -13.17 -3.83
C PHE B 276 13.46 -14.68 -3.90
N SER B 277 13.37 -15.34 -2.75
CA SER B 277 13.09 -16.80 -2.66
C SER B 277 13.83 -17.56 -3.76
N SER B 278 15.15 -17.44 -3.83
CA SER B 278 15.91 -18.02 -4.97
C SER B 278 16.90 -19.06 -4.47
N VAL B 279 17.55 -19.76 -5.41
CA VAL B 279 18.59 -20.72 -5.01
C VAL B 279 19.73 -20.00 -4.32
N LEU B 280 19.95 -18.70 -4.58
CA LEU B 280 21.05 -17.96 -3.91
C LEU B 280 20.54 -17.25 -2.67
N SER B 281 19.29 -16.77 -2.65
CA SER B 281 18.78 -16.02 -1.47
C SER B 281 18.33 -16.94 -0.32
N TYR B 282 17.78 -18.11 -0.60
CA TYR B 282 17.23 -18.94 0.50
C TYR B 282 18.34 -19.41 1.44
N PRO B 283 19.57 -19.70 0.99
CA PRO B 283 20.64 -20.07 1.93
C PRO B 283 20.94 -18.96 2.94
N VAL B 284 20.80 -17.69 2.53
CA VAL B 284 20.92 -16.53 3.46
C VAL B 284 19.84 -16.61 4.54
N VAL B 285 18.61 -16.88 4.17
CA VAL B 285 17.50 -17.02 5.13
C VAL B 285 17.81 -18.20 6.09
N ALA B 286 18.26 -19.33 5.55
CA ALA B 286 18.50 -20.54 6.38
C ALA B 286 19.66 -20.26 7.36
N GLU B 287 20.58 -19.36 7.01
CA GLU B 287 21.66 -19.01 7.92
C GLU B 287 21.18 -18.02 8.97
N GLN B 288 20.49 -16.97 8.58
CA GLN B 288 20.31 -15.76 9.43
C GLN B 288 19.01 -15.80 10.25
N LEU B 289 17.99 -16.52 9.81
CA LEU B 289 16.69 -16.50 10.49
C LEU B 289 16.67 -17.48 11.66
N PRO B 290 17.19 -18.71 11.57
CA PRO B 290 17.02 -19.64 12.71
C PRO B 290 17.47 -19.13 14.06
N PRO B 291 18.61 -18.43 14.19
CA PRO B 291 19.00 -17.99 15.52
C PRO B 291 17.94 -17.03 16.09
N GLN B 292 17.31 -16.24 15.23
CA GLN B 292 16.25 -15.27 15.67
C GLN B 292 15.00 -16.01 16.14
N ILE B 293 14.61 -17.05 15.41
CA ILE B 293 13.49 -17.91 15.83
C ILE B 293 13.85 -18.63 17.13
N SER B 294 15.08 -19.15 17.24
CA SER B 294 15.52 -19.93 18.39
C SER B 294 15.43 -19.03 19.63
N GLN B 295 15.79 -17.74 19.49
CA GLN B 295 15.78 -16.80 20.64
C GLN B 295 14.33 -16.71 21.16
N ILE B 296 13.36 -16.67 20.26
CA ILE B 296 11.94 -16.48 20.63
C ILE B 296 11.36 -17.77 21.17
N LEU B 297 11.60 -18.89 20.50
CA LEU B 297 10.93 -20.16 20.88
C LEU B 297 11.70 -20.84 22.01
N GLY B 298 12.93 -20.40 22.26
CA GLY B 298 13.76 -20.93 23.36
C GLY B 298 14.08 -22.40 23.18
N ALA B 299 14.23 -22.85 21.95
CA ALA B 299 14.69 -24.24 21.63
C ALA B 299 15.11 -24.30 20.17
C1 CIT C . -23.02 23.86 -17.44
O1 CIT C . -23.62 23.14 -18.25
O2 CIT C . -22.71 25.08 -17.67
C2 CIT C . -22.59 23.21 -16.13
C3 CIT C . -22.88 21.69 -16.00
O7 CIT C . -24.28 21.47 -16.00
C4 CIT C . -22.33 21.13 -14.69
C5 CIT C . -22.85 21.81 -13.46
O3 CIT C . -23.93 21.44 -12.97
O4 CIT C . -22.21 22.78 -13.06
C6 CIT C . -22.24 20.90 -17.18
O5 CIT C . -22.95 20.05 -17.71
O6 CIT C . -21.09 21.20 -17.53
C1 EDO D . -29.25 10.42 -1.79
O1 EDO D . -29.99 10.57 -3.01
C2 EDO D . -29.74 9.43 -0.75
O2 EDO D . -29.38 9.76 0.61
C1 GOL E . -2.61 10.27 0.30
O1 GOL E . -1.27 10.20 -0.16
C2 GOL E . -3.49 10.72 -0.84
O2 GOL E . -3.48 9.68 -1.81
C3 GOL E . -4.88 11.15 -0.41
O3 GOL E . -5.90 10.17 -0.60
C CO2 F . -8.82 9.13 3.20
O1 CO2 F . -7.74 8.74 3.43
O2 CO2 F . -9.90 9.30 2.79
C CO3 G . -24.52 -0.39 -15.33
O1 CO3 G . -24.93 -1.60 -15.32
O2 CO3 G . -25.07 0.46 -14.58
O3 CO3 G . -23.55 -0.05 -16.07
C1 EDO H . 0.85 -17.97 21.31
O1 EDO H . -0.17 -18.91 20.97
C2 EDO H . 1.83 -18.43 22.35
O2 EDO H . 3.23 -18.37 22.02
C1 GOL I . 15.15 -3.82 12.20
O1 GOL I . 15.24 -3.18 13.46
C2 GOL I . 16.49 -3.77 11.48
O2 GOL I . 17.23 -4.98 11.69
C3 GOL I . 16.36 -3.50 10.01
O3 GOL I . 15.07 -3.79 9.52
C1 GOL J . 9.79 -30.73 9.69
O1 GOL J . 10.69 -31.09 8.65
C2 GOL J . 9.16 -31.94 10.36
O2 GOL J . 8.55 -31.49 11.57
C3 GOL J . 8.13 -32.65 9.51
O3 GOL J . 7.68 -33.89 10.09
C ACT K . 8.77 -6.01 -1.46
O ACT K . 8.90 -5.76 -2.66
OXT ACT K . 8.55 -5.12 -0.62
CH3 ACT K . 8.87 -7.47 -0.96
#